data_1KU1
#
_entry.id   1KU1
#
_cell.length_a   125.052
_cell.length_b   75.881
_cell.length_c   76.199
_cell.angle_alpha   90.00
_cell.angle_beta   105.37
_cell.angle_gamma   90.00
#
_symmetry.space_group_name_H-M   'C 1 2 1'
#
loop_
_entity.id
_entity.type
_entity.pdbx_description
1 polymer 'ARF guanine-nucleotide exchange factor 2'
2 water water
#
_entity_poly.entity_id   1
_entity_poly.type   'polypeptide(L)'
_entity_poly.pdbx_seq_one_letter_code
;MGSSHHHHHHSSGLVPRGSHMDRKTEFIECTNAFNEKPKKGIPMLIEKGFIASDSDKDIAEFLFNNNNRMNKKTIGLLLC
HPDKVSLLNEYIRLFDFSGLRVDEAIRILLTKFRLPGESQQIERIIEAFSSAYCENQDYDPSKISDNAEDDISTVQPDAD
SVFILSYSIIMLNTDLHNPQVKEHMSFEDYSGNLKGCCNHKDFPFWYLDRVYCSIRDKEIVMPEEHHGNE
;
_entity_poly.pdbx_strand_id   A,B
#
# COMPACT_ATOMS: atom_id res chain seq x y z
N GLY A 13 52.19 -31.46 1.91
CA GLY A 13 53.21 -31.15 2.94
C GLY A 13 52.67 -30.39 4.14
N LEU A 14 52.10 -29.22 3.90
CA LEU A 14 51.56 -28.40 4.99
C LEU A 14 50.24 -28.89 5.57
N VAL A 15 49.29 -29.26 4.72
CA VAL A 15 48.00 -29.72 5.22
C VAL A 15 47.59 -31.07 4.69
N PRO A 16 46.90 -31.86 5.52
CA PRO A 16 46.48 -33.17 5.01
C PRO A 16 45.63 -32.89 3.79
N ARG A 17 44.72 -31.94 3.94
CA ARG A 17 43.81 -31.61 2.87
C ARG A 17 43.02 -32.91 2.80
N GLY A 18 41.72 -32.77 2.92
CA GLY A 18 40.82 -33.89 3.03
C GLY A 18 40.20 -33.17 4.20
N SER A 19 40.84 -32.01 4.39
CA SER A 19 40.54 -30.97 5.34
C SER A 19 40.13 -29.97 4.27
N HIS A 20 40.14 -30.48 3.04
CA HIS A 20 39.75 -29.79 1.82
C HIS A 20 40.15 -28.32 1.77
N MET A 21 41.46 -28.10 1.85
CA MET A 21 42.04 -26.76 1.87
C MET A 21 41.76 -25.92 0.62
N ASP A 22 41.91 -26.51 -0.55
CA ASP A 22 41.69 -25.80 -1.81
C ASP A 22 40.22 -25.39 -1.97
N ARG A 23 39.32 -26.32 -1.69
CA ARG A 23 37.90 -26.05 -1.81
C ARG A 23 37.51 -24.92 -0.83
N LYS A 24 37.97 -25.04 0.41
CA LYS A 24 37.68 -24.04 1.42
C LYS A 24 38.22 -22.65 1.08
N THR A 25 39.42 -22.60 0.52
CA THR A 25 40.05 -21.34 0.15
C THR A 25 39.22 -20.60 -0.90
N GLU A 26 38.81 -21.30 -1.95
CA GLU A 26 38.03 -20.64 -2.98
C GLU A 26 36.65 -20.26 -2.45
N PHE A 27 36.11 -21.08 -1.56
CA PHE A 27 34.80 -20.78 -0.97
C PHE A 27 34.89 -19.49 -0.17
N ILE A 28 35.96 -19.36 0.62
CA ILE A 28 36.17 -18.18 1.44
C ILE A 28 36.34 -16.94 0.56
N GLU A 29 37.06 -17.08 -0.55
CA GLU A 29 37.26 -15.96 -1.45
C GLU A 29 35.93 -15.59 -2.10
N CYS A 30 35.18 -16.60 -2.53
CA CYS A 30 33.90 -16.35 -3.17
C CYS A 30 32.90 -15.72 -2.21
N THR A 31 32.78 -16.28 -1.01
CA THR A 31 31.83 -15.75 -0.05
C THR A 31 32.18 -14.34 0.39
N ASN A 32 33.48 -14.01 0.43
CA ASN A 32 33.88 -12.66 0.81
C ASN A 32 33.39 -11.70 -0.27
N ALA A 33 33.52 -12.11 -1.53
CA ALA A 33 33.08 -11.28 -2.63
C ALA A 33 31.57 -11.08 -2.53
N PHE A 34 30.85 -12.14 -2.14
CA PHE A 34 29.41 -12.04 -2.02
C PHE A 34 29.00 -11.12 -0.87
N ASN A 35 29.61 -11.31 0.29
CA ASN A 35 29.28 -10.47 1.44
C ASN A 35 29.49 -9.00 1.09
N GLU A 36 30.48 -8.73 0.25
CA GLU A 36 30.79 -7.36 -0.19
C GLU A 36 29.80 -6.83 -1.21
N LYS A 37 29.62 -7.58 -2.31
CA LYS A 37 28.73 -7.19 -3.40
C LYS A 37 28.13 -8.42 -4.07
N PRO A 38 26.89 -8.80 -3.72
CA PRO A 38 26.29 -9.97 -4.36
C PRO A 38 26.34 -9.92 -5.88
N LYS A 39 26.26 -8.71 -6.44
CA LYS A 39 26.30 -8.54 -7.88
C LYS A 39 27.59 -9.13 -8.45
N LYS A 40 28.65 -9.09 -7.65
CA LYS A 40 29.94 -9.63 -8.05
C LYS A 40 30.11 -11.05 -7.51
N GLY A 41 29.71 -11.24 -6.25
CA GLY A 41 29.85 -12.53 -5.61
C GLY A 41 29.08 -13.70 -6.22
N ILE A 42 27.84 -13.47 -6.62
CA ILE A 42 27.04 -14.54 -7.22
C ILE A 42 27.70 -15.09 -8.48
N PRO A 43 28.03 -14.22 -9.45
CA PRO A 43 28.67 -14.77 -10.66
C PRO A 43 29.98 -15.49 -10.35
N MET A 44 30.70 -15.05 -9.32
CA MET A 44 31.97 -15.70 -8.97
C MET A 44 31.68 -17.10 -8.41
N LEU A 45 30.66 -17.20 -7.56
CA LEU A 45 30.25 -18.48 -6.99
C LEU A 45 29.83 -19.46 -8.10
N ILE A 46 29.18 -18.91 -9.12
CA ILE A 46 28.74 -19.72 -10.25
C ILE A 46 29.96 -20.16 -11.05
N GLU A 47 30.83 -19.20 -11.35
CA GLU A 47 32.05 -19.47 -12.11
C GLU A 47 32.91 -20.53 -11.45
N LYS A 48 32.98 -20.49 -10.12
CA LYS A 48 33.78 -21.44 -9.34
C LYS A 48 33.07 -22.77 -9.12
N GLY A 49 31.81 -22.86 -9.55
CA GLY A 49 31.09 -24.10 -9.39
C GLY A 49 30.40 -24.38 -8.06
N PHE A 50 30.28 -23.37 -7.19
CA PHE A 50 29.61 -23.56 -5.91
C PHE A 50 28.10 -23.44 -6.10
N ILE A 51 27.72 -22.71 -7.14
CA ILE A 51 26.31 -22.54 -7.49
C ILE A 51 26.21 -23.13 -8.89
N ALA A 52 25.27 -24.05 -9.09
CA ALA A 52 25.07 -24.73 -10.36
C ALA A 52 24.88 -23.85 -11.59
N SER A 53 24.02 -22.83 -11.49
CA SER A 53 23.78 -21.94 -12.61
C SER A 53 23.24 -20.61 -12.11
N ASP A 54 22.96 -19.71 -13.05
CA ASP A 54 22.44 -18.40 -12.68
C ASP A 54 20.92 -18.37 -12.52
N SER A 55 20.30 -19.53 -12.43
CA SER A 55 18.85 -19.59 -12.28
C SER A 55 18.50 -19.18 -10.84
N ASP A 56 17.30 -18.62 -10.66
CA ASP A 56 16.86 -18.21 -9.32
C ASP A 56 16.78 -19.42 -8.41
N LYS A 57 16.42 -20.57 -8.98
CA LYS A 57 16.32 -21.79 -8.20
C LYS A 57 17.66 -22.20 -7.62
N ASP A 58 18.69 -22.20 -8.46
CA ASP A 58 20.02 -22.60 -7.98
C ASP A 58 20.63 -21.57 -7.02
N ILE A 59 20.43 -20.29 -7.31
CA ILE A 59 20.97 -19.26 -6.42
C ILE A 59 20.24 -19.30 -5.09
N ALA A 60 18.92 -19.45 -5.14
CA ALA A 60 18.10 -19.50 -3.91
C ALA A 60 18.51 -20.67 -3.05
N GLU A 61 18.65 -21.84 -3.66
CA GLU A 61 19.04 -23.04 -2.93
C GLU A 61 20.40 -22.86 -2.24
N PHE A 62 21.34 -22.22 -2.93
CA PHE A 62 22.65 -22.01 -2.34
C PHE A 62 22.57 -21.10 -1.12
N LEU A 63 21.85 -19.98 -1.26
CA LEU A 63 21.68 -19.04 -0.16
C LEU A 63 21.02 -19.70 1.05
N PHE A 64 19.98 -20.47 0.77
CA PHE A 64 19.21 -21.15 1.80
C PHE A 64 20.05 -22.18 2.56
N ASN A 65 20.90 -22.90 1.84
CA ASN A 65 21.74 -23.92 2.46
C ASN A 65 23.01 -23.41 3.12
N ASN A 66 23.46 -22.21 2.75
CA ASN A 66 24.69 -21.64 3.31
C ASN A 66 24.47 -20.39 4.16
N ASN A 67 23.34 -20.35 4.86
CA ASN A 67 22.99 -19.21 5.69
C ASN A 67 23.98 -18.90 6.81
N ASN A 68 24.67 -19.92 7.30
CA ASN A 68 25.63 -19.74 8.38
C ASN A 68 27.07 -19.60 7.87
N ARG A 69 27.22 -19.45 6.56
CA ARG A 69 28.55 -19.33 5.96
C ARG A 69 28.73 -17.98 5.27
N MET A 70 27.64 -17.23 5.15
CA MET A 70 27.70 -15.93 4.52
C MET A 70 27.00 -14.89 5.37
N ASN A 71 27.28 -13.62 5.10
CA ASN A 71 26.71 -12.51 5.84
C ASN A 71 25.18 -12.49 5.72
N LYS A 72 24.50 -12.76 6.83
CA LYS A 72 23.05 -12.79 6.84
C LYS A 72 22.40 -11.44 6.55
N LYS A 73 23.12 -10.37 6.82
CA LYS A 73 22.59 -9.03 6.56
C LYS A 73 22.58 -8.83 5.05
N THR A 74 23.69 -9.20 4.42
CA THR A 74 23.82 -9.07 2.97
C THR A 74 22.75 -9.89 2.27
N ILE A 75 22.52 -11.10 2.76
CA ILE A 75 21.51 -11.97 2.18
C ILE A 75 20.15 -11.29 2.25
N GLY A 76 19.83 -10.72 3.42
CA GLY A 76 18.56 -10.03 3.58
C GLY A 76 18.40 -8.87 2.63
N LEU A 77 19.48 -8.11 2.45
CA LEU A 77 19.45 -6.96 1.54
C LEU A 77 19.30 -7.37 0.09
N LEU A 78 19.88 -8.52 -0.26
CA LEU A 78 19.78 -8.99 -1.63
C LEU A 78 18.33 -9.40 -1.92
N LEU A 79 17.73 -10.12 -0.97
CA LEU A 79 16.36 -10.61 -1.12
C LEU A 79 15.26 -9.55 -1.16
N CYS A 80 15.47 -8.42 -0.52
CA CYS A 80 14.46 -7.37 -0.48
C CYS A 80 14.59 -6.34 -1.61
N HIS A 81 15.49 -6.58 -2.55
CA HIS A 81 15.66 -5.65 -3.66
C HIS A 81 14.50 -5.76 -4.64
N PRO A 82 13.80 -4.64 -4.89
CA PRO A 82 12.66 -4.61 -5.81
C PRO A 82 12.75 -5.54 -7.05
N ASP A 83 13.89 -5.50 -7.75
CA ASP A 83 14.05 -6.34 -8.95
C ASP A 83 14.51 -7.76 -8.65
N LYS A 84 14.44 -8.16 -7.38
CA LYS A 84 14.85 -9.51 -7.00
C LYS A 84 13.66 -10.31 -6.48
N VAL A 85 12.45 -9.84 -6.76
CA VAL A 85 11.25 -10.53 -6.30
C VAL A 85 11.20 -11.99 -6.77
N SER A 86 11.70 -12.23 -7.97
CA SER A 86 11.72 -13.59 -8.51
C SER A 86 12.60 -14.49 -7.65
N LEU A 87 13.76 -13.99 -7.26
CA LEU A 87 14.68 -14.76 -6.43
C LEU A 87 14.05 -14.98 -5.06
N LEU A 88 13.52 -13.90 -4.48
CA LEU A 88 12.87 -13.95 -3.18
C LEU A 88 11.76 -15.00 -3.16
N ASN A 89 10.96 -15.06 -4.22
CA ASN A 89 9.87 -16.02 -4.27
C ASN A 89 10.36 -17.46 -4.38
N GLU A 90 11.47 -17.67 -5.09
CA GLU A 90 12.03 -19.01 -5.19
C GLU A 90 12.56 -19.40 -3.82
N TYR A 91 13.27 -18.47 -3.21
CA TYR A 91 13.89 -18.67 -1.89
C TYR A 91 12.87 -18.98 -0.79
N ILE A 92 11.84 -18.15 -0.68
CA ILE A 92 10.84 -18.31 0.35
C ILE A 92 10.18 -19.69 0.36
N ARG A 93 10.08 -20.31 -0.80
CA ARG A 93 9.45 -21.63 -0.91
C ARG A 93 10.24 -22.75 -0.25
N LEU A 94 11.56 -22.71 -0.39
CA LEU A 94 12.41 -23.75 0.18
C LEU A 94 12.03 -24.04 1.63
N PHE A 95 11.39 -23.08 2.29
CA PHE A 95 10.97 -23.27 3.68
C PHE A 95 9.78 -24.19 3.79
N ASP A 96 9.66 -24.89 4.91
CA ASP A 96 8.51 -25.75 5.16
C ASP A 96 7.79 -25.14 6.36
N PHE A 97 6.74 -24.38 6.12
CA PHE A 97 5.99 -23.75 7.21
C PHE A 97 4.71 -24.51 7.52
N SER A 98 4.54 -25.68 6.90
CA SER A 98 3.34 -26.48 7.11
C SER A 98 3.09 -26.85 8.57
N GLY A 99 1.84 -26.69 9.00
CA GLY A 99 1.46 -27.04 10.35
C GLY A 99 2.06 -26.20 11.46
N LEU A 100 2.54 -25.01 11.15
CA LEU A 100 3.12 -24.14 12.17
C LEU A 100 2.28 -22.88 12.33
N ARG A 101 2.25 -22.31 13.53
CA ARG A 101 1.54 -21.07 13.74
C ARG A 101 2.42 -20.02 13.07
N VAL A 102 1.88 -18.83 12.82
CA VAL A 102 2.66 -17.77 12.19
C VAL A 102 3.94 -17.44 12.96
N ASP A 103 3.88 -17.42 14.30
CA ASP A 103 5.08 -17.10 15.07
C ASP A 103 6.15 -18.19 14.95
N GLU A 104 5.72 -19.46 14.95
CA GLU A 104 6.67 -20.56 14.82
C GLU A 104 7.35 -20.50 13.45
N ALA A 105 6.58 -20.12 12.43
CA ALA A 105 7.11 -20.00 11.07
C ALA A 105 8.13 -18.86 10.99
N ILE A 106 7.80 -17.74 11.63
CA ILE A 106 8.70 -16.59 11.64
C ILE A 106 10.05 -16.92 12.27
N ARG A 107 10.02 -17.70 13.35
CA ARG A 107 11.27 -18.10 14.01
C ARG A 107 12.16 -18.84 13.01
N ILE A 108 11.55 -19.75 12.24
CA ILE A 108 12.29 -20.52 11.25
C ILE A 108 12.85 -19.60 10.19
N LEU A 109 11.99 -18.71 9.70
CA LEU A 109 12.38 -17.75 8.67
C LEU A 109 13.61 -16.96 9.06
N LEU A 110 13.57 -16.35 10.25
CA LEU A 110 14.67 -15.53 10.72
C LEU A 110 15.92 -16.26 11.18
N THR A 111 16.09 -17.52 10.80
CA THR A 111 17.30 -18.26 11.16
C THR A 111 18.17 -18.36 9.90
N LYS A 112 17.59 -17.98 8.77
CA LYS A 112 18.27 -18.04 7.48
C LYS A 112 18.86 -16.70 7.04
N PHE A 113 18.22 -15.61 7.47
CA PHE A 113 18.70 -14.27 7.12
C PHE A 113 18.21 -13.24 8.12
N ARG A 114 18.83 -12.08 8.08
CA ARG A 114 18.49 -10.97 8.96
C ARG A 114 17.58 -10.00 8.23
N LEU A 115 16.50 -9.59 8.88
CA LEU A 115 15.56 -8.65 8.27
C LEU A 115 16.23 -7.32 7.97
N PRO A 116 15.89 -6.71 6.83
CA PRO A 116 16.47 -5.41 6.45
C PRO A 116 15.83 -4.37 7.37
N GLY A 117 16.35 -3.15 7.36
CA GLY A 117 15.83 -2.12 8.24
C GLY A 117 14.79 -1.13 7.72
N GLU A 118 14.82 -0.83 6.43
CA GLU A 118 13.87 0.11 5.87
C GLU A 118 12.45 -0.41 5.74
N SER A 119 11.49 0.52 5.78
CA SER A 119 10.07 0.21 5.70
C SER A 119 9.66 -0.63 4.49
N GLN A 120 9.98 -0.15 3.29
CA GLN A 120 9.63 -0.88 2.08
C GLN A 120 10.34 -2.22 1.96
N GLN A 121 11.53 -2.31 2.56
CA GLN A 121 12.30 -3.57 2.51
C GLN A 121 11.64 -4.63 3.38
N ILE A 122 11.29 -4.27 4.60
CA ILE A 122 10.63 -5.22 5.51
C ILE A 122 9.33 -5.69 4.87
N GLU A 123 8.58 -4.73 4.34
CA GLU A 123 7.32 -5.05 3.69
C GLU A 123 7.47 -6.10 2.59
N ARG A 124 8.50 -5.97 1.76
CA ARG A 124 8.69 -6.96 0.68
C ARG A 124 8.95 -8.35 1.23
N ILE A 125 9.75 -8.43 2.29
CA ILE A 125 10.06 -9.73 2.89
C ILE A 125 8.82 -10.37 3.50
N ILE A 126 8.11 -9.59 4.31
CA ILE A 126 6.91 -10.10 4.97
C ILE A 126 5.80 -10.46 3.99
N GLU A 127 5.70 -9.74 2.87
CA GLU A 127 4.69 -10.05 1.87
C GLU A 127 4.98 -11.41 1.26
N ALA A 128 6.24 -11.66 0.95
CA ALA A 128 6.63 -12.95 0.37
C ALA A 128 6.40 -14.05 1.40
N PHE A 129 6.79 -13.78 2.65
CA PHE A 129 6.62 -14.75 3.72
C PHE A 129 5.14 -15.11 3.90
N SER A 130 4.29 -14.09 3.98
CA SER A 130 2.86 -14.32 4.18
C SER A 130 2.22 -15.18 3.11
N SER A 131 2.55 -14.92 1.85
CA SER A 131 2.01 -15.71 0.74
C SER A 131 2.50 -17.15 0.82
N ALA A 132 3.79 -17.30 1.09
CA ALA A 132 4.39 -18.64 1.20
C ALA A 132 3.80 -19.41 2.36
N TYR A 133 3.62 -18.72 3.49
CA TYR A 133 3.06 -19.34 4.68
C TYR A 133 1.69 -19.95 4.38
N CYS A 134 0.82 -19.17 3.76
CA CYS A 134 -0.52 -19.62 3.43
C CYS A 134 -0.48 -20.78 2.45
N GLU A 135 0.39 -20.69 1.46
CA GLU A 135 0.54 -21.73 0.45
C GLU A 135 0.92 -23.06 1.10
N ASN A 136 1.71 -22.99 2.17
CA ASN A 136 2.16 -24.19 2.88
C ASN A 136 1.09 -24.89 3.73
N GLN A 137 -0.03 -24.24 3.97
CA GLN A 137 -1.07 -24.86 4.80
C GLN A 137 -2.19 -25.49 3.96
N ASP A 138 -2.89 -26.45 4.55
CA ASP A 138 -4.01 -27.10 3.88
C ASP A 138 -5.25 -26.46 4.49
N TYR A 139 -5.64 -25.30 3.96
CA TYR A 139 -6.80 -24.61 4.49
C TYR A 139 -8.13 -25.26 4.11
N ASP A 140 -8.60 -26.15 4.96
CA ASP A 140 -9.90 -26.80 4.73
C ASP A 140 -10.87 -25.93 5.52
N PRO A 141 -11.60 -25.04 4.84
CA PRO A 141 -12.58 -24.13 5.42
C PRO A 141 -13.61 -24.70 6.38
N SER A 142 -13.98 -25.97 6.19
CA SER A 142 -14.98 -26.59 7.06
C SER A 142 -14.44 -26.72 8.49
N LYS A 143 -13.12 -26.66 8.63
CA LYS A 143 -12.44 -26.79 9.92
C LYS A 143 -12.37 -25.49 10.74
N ILE A 144 -12.61 -24.35 10.08
CA ILE A 144 -12.52 -23.07 10.77
C ILE A 144 -13.34 -23.02 12.05
N SER A 145 -12.68 -22.63 13.14
CA SER A 145 -13.34 -22.55 14.44
C SER A 145 -12.66 -21.53 15.32
N ASP A 146 -13.43 -20.93 16.23
CA ASP A 146 -12.85 -19.94 17.12
C ASP A 146 -12.54 -20.57 18.49
N ASN A 147 -12.76 -21.87 18.62
CA ASN A 147 -12.49 -22.51 19.91
C ASN A 147 -11.93 -23.94 19.91
N ALA A 148 -11.24 -24.33 18.86
CA ALA A 148 -10.64 -25.66 18.80
C ALA A 148 -9.24 -25.42 19.35
N GLU A 149 -9.14 -25.22 20.66
CA GLU A 149 -7.87 -24.92 21.31
C GLU A 149 -6.71 -25.83 20.88
N ASP A 150 -5.62 -25.18 20.46
CA ASP A 150 -4.41 -25.86 20.03
C ASP A 150 -4.48 -26.70 18.76
N ASP A 151 -5.56 -26.51 17.98
CA ASP A 151 -5.70 -27.26 16.73
C ASP A 151 -5.35 -26.31 15.58
N ILE A 152 -4.10 -26.37 15.13
CA ILE A 152 -3.60 -25.49 14.07
C ILE A 152 -4.41 -25.48 12.77
N SER A 153 -5.04 -26.60 12.44
CA SER A 153 -5.81 -26.67 11.20
C SER A 153 -7.11 -25.87 11.21
N THR A 154 -7.49 -25.35 12.37
CA THR A 154 -8.75 -24.61 12.50
C THR A 154 -8.67 -23.08 12.44
N VAL A 155 -7.46 -22.55 12.24
CA VAL A 155 -7.27 -21.10 12.16
C VAL A 155 -6.61 -20.87 10.80
N GLN A 156 -7.30 -20.14 9.92
CA GLN A 156 -6.80 -19.98 8.56
C GLN A 156 -6.71 -18.54 8.03
N PRO A 157 -5.77 -17.76 8.56
CA PRO A 157 -5.61 -16.36 8.12
C PRO A 157 -5.12 -16.28 6.69
N ASP A 158 -5.70 -15.37 5.90
CA ASP A 158 -5.25 -15.23 4.52
C ASP A 158 -3.93 -14.45 4.53
N ALA A 159 -3.33 -14.26 3.37
CA ALA A 159 -2.05 -13.58 3.28
C ALA A 159 -2.02 -12.20 3.92
N ASP A 160 -3.07 -11.40 3.72
CA ASP A 160 -3.09 -10.07 4.31
C ASP A 160 -3.15 -10.15 5.83
N SER A 161 -3.84 -11.16 6.34
CA SER A 161 -3.97 -11.36 7.78
C SER A 161 -2.66 -11.83 8.39
N VAL A 162 -1.96 -12.70 7.68
CA VAL A 162 -0.68 -13.21 8.17
C VAL A 162 0.33 -12.07 8.17
N PHE A 163 0.22 -11.19 7.19
CA PHE A 163 1.12 -10.04 7.08
C PHE A 163 0.96 -9.15 8.31
N ILE A 164 -0.28 -8.84 8.66
CA ILE A 164 -0.54 -7.99 9.83
C ILE A 164 -0.07 -8.67 11.11
N LEU A 165 -0.39 -9.94 11.26
CA LEU A 165 0.01 -10.68 12.47
C LEU A 165 1.54 -10.74 12.56
N SER A 166 2.20 -10.92 11.42
CA SER A 166 3.65 -10.97 11.41
C SER A 166 4.26 -9.68 11.97
N TYR A 167 3.73 -8.54 11.54
CA TYR A 167 4.23 -7.27 12.05
C TYR A 167 4.00 -7.20 13.56
N SER A 168 2.82 -7.61 14.01
CA SER A 168 2.49 -7.58 15.43
C SER A 168 3.44 -8.48 16.23
N ILE A 169 3.86 -9.58 15.63
CA ILE A 169 4.78 -10.50 16.32
C ILE A 169 6.16 -9.88 16.50
N ILE A 170 6.68 -9.26 15.45
CA ILE A 170 7.99 -8.61 15.53
C ILE A 170 7.90 -7.50 16.57
N MET A 171 6.79 -6.75 16.53
CA MET A 171 6.55 -5.66 17.46
C MET A 171 6.51 -6.15 18.92
N LEU A 172 5.75 -7.22 19.15
CA LEU A 172 5.62 -7.77 20.49
C LEU A 172 6.93 -8.29 21.04
N ASN A 173 7.70 -8.96 20.18
CA ASN A 173 8.99 -9.53 20.56
C ASN A 173 9.91 -8.45 21.12
N THR A 174 9.88 -7.28 20.49
CA THR A 174 10.69 -6.16 20.92
C THR A 174 10.20 -5.61 22.26
N ASP A 175 8.90 -5.38 22.37
CA ASP A 175 8.34 -4.85 23.61
C ASP A 175 8.56 -5.73 24.83
N LEU A 176 8.22 -7.01 24.72
CA LEU A 176 8.35 -7.94 25.83
C LEU A 176 9.80 -8.21 26.27
N HIS A 177 10.76 -7.92 25.41
CA HIS A 177 12.14 -8.16 25.78
C HIS A 177 13.00 -6.90 25.83
N ASN A 178 12.33 -5.75 25.95
CA ASN A 178 13.03 -4.48 26.04
C ASN A 178 13.05 -4.09 27.51
N PRO A 179 14.23 -4.14 28.15
CA PRO A 179 14.34 -3.78 29.57
C PRO A 179 13.93 -2.34 29.88
N GLN A 180 13.93 -1.48 28.86
CA GLN A 180 13.57 -0.08 29.06
C GLN A 180 12.06 0.15 29.19
N VAL A 181 11.27 -0.86 28.85
CA VAL A 181 9.82 -0.75 28.92
C VAL A 181 9.29 -0.96 30.34
N LYS A 182 8.72 0.08 30.91
CA LYS A 182 8.16 0.06 32.25
C LYS A 182 7.08 -1.02 32.38
N GLU A 183 6.07 -0.93 31.53
CA GLU A 183 4.97 -1.89 31.54
C GLU A 183 4.90 -2.61 30.20
N HIS A 184 5.36 -3.84 30.16
CA HIS A 184 5.34 -4.61 28.92
C HIS A 184 3.90 -4.77 28.44
N MET A 185 3.72 -4.76 27.12
CA MET A 185 2.39 -4.88 26.54
C MET A 185 1.65 -6.08 27.10
N SER A 186 0.44 -5.86 27.59
CA SER A 186 -0.38 -6.92 28.15
C SER A 186 -0.99 -7.73 27.02
N PHE A 187 -1.50 -8.92 27.34
CA PHE A 187 -2.12 -9.73 26.31
C PHE A 187 -3.36 -9.02 25.81
N GLU A 188 -4.05 -8.35 26.72
CA GLU A 188 -5.27 -7.63 26.38
C GLU A 188 -5.04 -6.57 25.30
N ASP A 189 -3.94 -5.84 25.43
CA ASP A 189 -3.62 -4.81 24.45
C ASP A 189 -3.11 -5.44 23.16
N TYR A 190 -2.27 -6.47 23.29
CA TYR A 190 -1.76 -7.14 22.09
C TYR A 190 -2.91 -7.68 21.26
N SER A 191 -3.82 -8.40 21.91
CA SER A 191 -4.96 -8.99 21.22
C SER A 191 -6.00 -7.96 20.80
N GLY A 192 -6.22 -6.95 21.64
CA GLY A 192 -7.18 -5.91 21.33
C GLY A 192 -6.84 -5.19 20.03
N ASN A 193 -5.57 -4.83 19.85
CA ASN A 193 -5.15 -4.13 18.64
C ASN A 193 -5.28 -5.00 17.39
N LEU A 194 -5.36 -6.33 17.58
CA LEU A 194 -5.48 -7.25 16.45
C LEU A 194 -6.92 -7.56 16.07
N LYS A 195 -7.88 -6.92 16.74
CA LYS A 195 -9.29 -7.16 16.43
C LYS A 195 -9.59 -6.93 14.95
N GLY A 196 -10.34 -7.85 14.36
CA GLY A 196 -10.72 -7.76 12.96
C GLY A 196 -9.60 -8.04 11.96
N CYS A 197 -8.47 -8.54 12.46
CA CYS A 197 -7.33 -8.80 11.59
C CYS A 197 -7.18 -10.22 11.04
N CYS A 198 -8.09 -11.11 11.40
CA CYS A 198 -8.04 -12.48 10.88
C CYS A 198 -9.21 -12.59 9.91
N ASN A 199 -8.95 -12.32 8.63
CA ASN A 199 -9.98 -12.38 7.61
C ASN A 199 -11.16 -11.49 8.00
N HIS A 200 -10.83 -10.27 8.45
CA HIS A 200 -11.79 -9.27 8.87
C HIS A 200 -12.57 -9.65 10.13
N LYS A 201 -12.13 -10.70 10.80
CA LYS A 201 -12.73 -11.15 12.04
C LYS A 201 -11.59 -11.24 13.05
N ASP A 202 -11.88 -11.72 14.25
CA ASP A 202 -10.82 -11.83 15.26
C ASP A 202 -10.10 -13.17 15.21
N PHE A 203 -8.85 -13.16 15.67
CA PHE A 203 -8.08 -14.39 15.76
C PHE A 203 -8.66 -15.04 17.02
N PRO A 204 -8.72 -16.38 17.05
CA PRO A 204 -9.25 -17.06 18.24
C PRO A 204 -8.35 -16.77 19.45
N PHE A 205 -8.94 -16.68 20.63
CA PHE A 205 -8.17 -16.42 21.84
C PHE A 205 -6.93 -17.31 21.94
N TRP A 206 -7.13 -18.62 21.82
CA TRP A 206 -6.03 -19.56 21.98
C TRP A 206 -4.84 -19.30 21.06
N TYR A 207 -5.13 -18.90 19.83
CA TYR A 207 -4.08 -18.65 18.85
C TYR A 207 -3.21 -17.47 19.27
N LEU A 208 -3.82 -16.35 19.65
CA LEU A 208 -3.05 -15.21 20.07
C LEU A 208 -2.39 -15.48 21.43
N ASP A 209 -3.07 -16.25 22.28
CA ASP A 209 -2.51 -16.58 23.60
C ASP A 209 -1.23 -17.40 23.48
N ARG A 210 -1.25 -18.41 22.62
CA ARG A 210 -0.07 -19.25 22.44
C ARG A 210 1.03 -18.42 21.82
N VAL A 211 0.66 -17.54 20.90
CA VAL A 211 1.65 -16.68 20.26
C VAL A 211 2.33 -15.78 21.29
N TYR A 212 1.50 -15.09 22.07
CA TYR A 212 1.93 -14.17 23.10
C TYR A 212 2.81 -14.84 24.13
N CYS A 213 2.37 -15.97 24.69
CA CYS A 213 3.17 -16.68 25.68
C CYS A 213 4.48 -17.24 25.11
N SER A 214 4.48 -17.65 23.84
CA SER A 214 5.69 -18.19 23.22
C SER A 214 6.73 -17.08 23.07
N ILE A 215 6.30 -15.93 22.58
CA ILE A 215 7.18 -14.79 22.39
C ILE A 215 7.68 -14.32 23.74
N ARG A 216 6.78 -14.25 24.71
CA ARG A 216 7.13 -13.84 26.06
C ARG A 216 8.20 -14.74 26.69
N ASP A 217 8.03 -16.05 26.56
CA ASP A 217 8.95 -16.99 27.16
C ASP A 217 10.23 -17.29 26.40
N LYS A 218 10.27 -16.99 25.11
CA LYS A 218 11.48 -17.22 24.33
C LYS A 218 11.62 -16.18 23.22
N GLU A 219 12.47 -15.18 23.48
CA GLU A 219 12.70 -14.11 22.52
C GLU A 219 13.11 -14.68 21.17
N ILE A 220 12.62 -14.06 20.10
CA ILE A 220 13.01 -14.47 18.75
C ILE A 220 14.30 -13.72 18.53
N VAL A 221 15.33 -14.38 18.02
CA VAL A 221 16.60 -13.67 17.88
C VAL A 221 17.63 -14.00 16.80
N MET A 222 18.76 -13.32 17.01
CA MET A 222 20.04 -13.33 16.31
C MET A 222 20.45 -13.14 14.84
N PRO A 223 20.92 -14.21 14.17
CA PRO A 223 21.35 -14.03 12.79
C PRO A 223 22.09 -12.72 12.53
N GLY B 13 16.21 -7.74 19.84
CA GLY B 13 15.58 -6.95 18.74
C GLY B 13 15.94 -7.48 17.37
N LEU B 14 14.92 -7.66 16.53
CA LEU B 14 15.10 -8.17 15.18
C LEU B 14 15.19 -7.06 14.15
N VAL B 15 14.78 -5.86 14.56
CA VAL B 15 14.80 -4.70 13.66
C VAL B 15 15.10 -3.43 14.46
N PRO B 16 15.81 -2.47 13.85
CA PRO B 16 16.15 -1.22 14.53
C PRO B 16 14.96 -0.55 15.21
N ARG B 17 15.18 0.01 16.38
CA ARG B 17 14.11 0.69 17.11
C ARG B 17 13.55 1.79 16.22
N GLY B 18 14.43 2.35 15.38
CA GLY B 18 14.03 3.40 14.48
C GLY B 18 13.08 2.90 13.42
N SER B 19 12.91 1.58 13.33
CA SER B 19 12.01 1.00 12.35
C SER B 19 10.57 1.25 12.75
N HIS B 20 10.34 1.47 14.04
CA HIS B 20 9.01 1.76 14.56
C HIS B 20 7.97 0.71 14.19
N MET B 21 8.28 -0.55 14.44
CA MET B 21 7.35 -1.62 14.11
C MET B 21 6.05 -1.49 14.88
N ASP B 22 6.09 -0.84 16.05
CA ASP B 22 4.87 -0.67 16.83
C ASP B 22 3.90 0.29 16.13
N ARG B 23 4.42 1.39 15.60
CA ARG B 23 3.58 2.36 14.91
C ARG B 23 3.10 1.77 13.60
N LYS B 24 3.99 1.06 12.91
CA LYS B 24 3.63 0.43 11.64
C LYS B 24 2.55 -0.61 11.88
N THR B 25 2.71 -1.41 12.94
CA THR B 25 1.73 -2.42 13.28
C THR B 25 0.38 -1.77 13.57
N GLU B 26 0.37 -0.75 14.42
CA GLU B 26 -0.88 -0.08 14.76
C GLU B 26 -1.54 0.52 13.52
N PHE B 27 -0.74 1.10 12.63
CA PHE B 27 -1.27 1.70 11.42
C PHE B 27 -2.01 0.70 10.54
N ILE B 28 -1.37 -0.42 10.23
CA ILE B 28 -2.01 -1.41 9.37
C ILE B 28 -3.22 -2.08 10.04
N GLU B 29 -3.19 -2.18 11.37
CA GLU B 29 -4.33 -2.75 12.08
C GLU B 29 -5.50 -1.80 11.92
N CYS B 30 -5.23 -0.50 12.03
CA CYS B 30 -6.26 0.53 11.90
C CYS B 30 -6.78 0.64 10.47
N THR B 31 -5.89 0.60 9.49
CA THR B 31 -6.30 0.69 8.09
C THR B 31 -7.08 -0.55 7.66
N ASN B 32 -6.76 -1.70 8.24
CA ASN B 32 -7.46 -2.93 7.92
C ASN B 32 -8.92 -2.75 8.33
N ALA B 33 -9.11 -2.13 9.49
CA ALA B 33 -10.44 -1.87 10.02
C ALA B 33 -11.17 -0.84 9.16
N PHE B 34 -10.48 0.24 8.82
CA PHE B 34 -11.07 1.30 7.99
C PHE B 34 -11.48 0.78 6.62
N ASN B 35 -10.61 0.00 5.98
CA ASN B 35 -10.92 -0.52 4.66
C ASN B 35 -12.19 -1.36 4.68
N GLU B 36 -12.47 -2.03 5.80
CA GLU B 36 -13.65 -2.86 5.92
C GLU B 36 -14.86 -1.99 6.30
N LYS B 37 -14.72 -1.21 7.36
CA LYS B 37 -15.80 -0.33 7.81
C LYS B 37 -15.25 0.96 8.43
N PRO B 38 -15.29 2.06 7.67
CA PRO B 38 -14.79 3.37 8.14
C PRO B 38 -15.34 3.75 9.51
N LYS B 39 -16.60 3.42 9.77
CA LYS B 39 -17.23 3.76 11.05
C LYS B 39 -16.42 3.20 12.21
N LYS B 40 -15.74 2.09 11.97
CA LYS B 40 -14.91 1.45 12.98
C LYS B 40 -13.47 1.95 12.87
N GLY B 41 -12.96 1.97 11.65
CA GLY B 41 -11.60 2.41 11.41
C GLY B 41 -11.23 3.82 11.84
N ILE B 42 -12.06 4.79 11.51
CA ILE B 42 -11.80 6.18 11.85
C ILE B 42 -11.50 6.39 13.34
N PRO B 43 -12.40 5.94 14.24
CA PRO B 43 -12.14 6.14 15.66
C PRO B 43 -10.85 5.45 16.13
N MET B 44 -10.53 4.30 15.55
CA MET B 44 -9.30 3.60 15.90
C MET B 44 -8.12 4.46 15.50
N LEU B 45 -8.19 5.04 14.31
CA LEU B 45 -7.13 5.90 13.81
C LEU B 45 -6.92 7.09 14.73
N ILE B 46 -8.02 7.62 15.26
CA ILE B 46 -7.94 8.77 16.17
C ILE B 46 -7.26 8.35 17.46
N GLU B 47 -7.75 7.27 18.05
CA GLU B 47 -7.21 6.74 19.31
C GLU B 47 -5.70 6.51 19.23
N LYS B 48 -5.21 6.04 18.08
CA LYS B 48 -3.79 5.78 17.91
C LYS B 48 -3.01 7.03 17.50
N GLY B 49 -3.72 8.15 17.41
CA GLY B 49 -3.07 9.40 17.05
C GLY B 49 -2.68 9.56 15.60
N PHE B 50 -3.33 8.80 14.71
CA PHE B 50 -3.03 8.92 13.29
C PHE B 50 -3.89 10.04 12.71
N ILE B 51 -5.02 10.30 13.37
CA ILE B 51 -5.94 11.36 12.98
C ILE B 51 -6.04 12.29 14.18
N ALA B 52 -5.67 13.55 13.98
CA ALA B 52 -5.71 14.58 15.03
C ALA B 52 -6.93 14.51 15.95
N SER B 53 -8.12 14.54 15.36
CA SER B 53 -9.35 14.48 16.15
C SER B 53 -10.48 13.94 15.30
N ASP B 54 -11.71 14.08 15.79
CA ASP B 54 -12.88 13.59 15.05
C ASP B 54 -13.55 14.68 14.20
N SER B 55 -12.84 15.78 13.97
CA SER B 55 -13.40 16.86 13.16
C SER B 55 -13.25 16.51 11.68
N ASP B 56 -14.20 16.96 10.87
CA ASP B 56 -14.13 16.68 9.44
C ASP B 56 -12.81 17.15 8.87
N LYS B 57 -12.31 18.27 9.39
CA LYS B 57 -11.04 18.81 8.92
C LYS B 57 -9.89 17.84 9.12
N ASP B 58 -9.80 17.27 10.31
CA ASP B 58 -8.72 16.34 10.62
C ASP B 58 -8.87 15.01 9.89
N ILE B 59 -10.07 14.47 9.86
CA ILE B 59 -10.34 13.22 9.17
C ILE B 59 -10.06 13.39 7.68
N ALA B 60 -10.49 14.51 7.13
CA ALA B 60 -10.31 14.80 5.71
C ALA B 60 -8.83 14.88 5.37
N GLU B 61 -8.08 15.59 6.21
CA GLU B 61 -6.64 15.76 6.02
C GLU B 61 -5.97 14.40 6.00
N PHE B 62 -6.41 13.50 6.87
CA PHE B 62 -5.82 12.17 6.94
C PHE B 62 -6.12 11.38 5.67
N LEU B 63 -7.38 11.39 5.26
CA LEU B 63 -7.78 10.68 4.04
C LEU B 63 -7.01 11.22 2.84
N PHE B 64 -6.89 12.53 2.78
CA PHE B 64 -6.18 13.20 1.69
C PHE B 64 -4.70 12.83 1.65
N ASN B 65 -4.10 12.62 2.82
CA ASN B 65 -2.68 12.27 2.89
C ASN B 65 -2.35 10.80 2.77
N ASN B 66 -3.33 9.91 2.95
CA ASN B 66 -3.06 8.49 2.85
C ASN B 66 -3.86 7.78 1.77
N ASN B 67 -4.10 8.48 0.67
CA ASN B 67 -4.84 7.91 -0.45
C ASN B 67 -4.15 6.66 -0.99
N ASN B 68 -2.84 6.57 -0.81
CA ASN B 68 -2.08 5.42 -1.27
C ASN B 68 -1.80 4.39 -0.19
N ARG B 69 -2.43 4.54 0.96
CA ARG B 69 -2.20 3.61 2.07
C ARG B 69 -3.49 2.91 2.50
N MET B 70 -4.61 3.32 1.92
CA MET B 70 -5.90 2.73 2.25
C MET B 70 -6.67 2.38 0.98
N ASN B 71 -7.75 1.63 1.14
CA ASN B 71 -8.58 1.22 0.01
C ASN B 71 -9.29 2.44 -0.58
N LYS B 72 -8.92 2.81 -1.80
CA LYS B 72 -9.51 3.96 -2.46
C LYS B 72 -11.00 3.81 -2.72
N LYS B 73 -11.45 2.56 -2.94
CA LYS B 73 -12.87 2.34 -3.17
C LYS B 73 -13.63 2.64 -1.89
N THR B 74 -13.04 2.27 -0.76
CA THR B 74 -13.66 2.50 0.54
C THR B 74 -13.75 4.00 0.79
N ILE B 75 -12.64 4.70 0.54
CA ILE B 75 -12.60 6.15 0.73
C ILE B 75 -13.70 6.81 -0.11
N GLY B 76 -13.80 6.40 -1.38
CA GLY B 76 -14.81 6.95 -2.26
C GLY B 76 -16.23 6.73 -1.76
N LEU B 77 -16.51 5.55 -1.24
CA LEU B 77 -17.84 5.24 -0.73
C LEU B 77 -18.17 6.01 0.54
N LEU B 78 -17.14 6.33 1.31
CA LEU B 78 -17.34 7.09 2.54
C LEU B 78 -17.68 8.53 2.21
N LEU B 79 -16.94 9.12 1.27
CA LEU B 79 -17.14 10.50 0.88
C LEU B 79 -18.41 10.79 0.09
N CYS B 80 -18.91 9.79 -0.65
CA CYS B 80 -20.11 10.01 -1.45
C CYS B 80 -21.40 9.67 -0.70
N HIS B 81 -21.30 9.32 0.57
CA HIS B 81 -22.48 9.00 1.37
C HIS B 81 -23.24 10.30 1.62
N PRO B 82 -24.56 10.32 1.36
CA PRO B 82 -25.41 11.49 1.55
C PRO B 82 -25.21 12.30 2.83
N ASP B 83 -25.06 11.62 3.96
CA ASP B 83 -24.88 12.30 5.23
C ASP B 83 -23.42 12.69 5.51
N LYS B 84 -22.56 12.51 4.52
CA LYS B 84 -21.15 12.84 4.68
C LYS B 84 -20.72 14.02 3.81
N VAL B 85 -21.69 14.83 3.38
CA VAL B 85 -21.38 15.97 2.52
C VAL B 85 -20.37 16.92 3.15
N SER B 86 -20.49 17.17 4.46
CA SER B 86 -19.56 18.07 5.15
C SER B 86 -18.13 17.56 5.04
N LEU B 87 -17.96 16.26 5.25
CA LEU B 87 -16.64 15.65 5.17
C LEU B 87 -16.12 15.76 3.73
N LEU B 88 -16.99 15.47 2.78
CA LEU B 88 -16.62 15.53 1.37
C LEU B 88 -16.11 16.92 0.99
N ASN B 89 -16.84 17.94 1.42
CA ASN B 89 -16.44 19.32 1.13
C ASN B 89 -15.09 19.65 1.75
N GLU B 90 -14.86 19.17 2.98
CA GLU B 90 -13.59 19.42 3.64
C GLU B 90 -12.48 18.76 2.83
N TYR B 91 -12.75 17.55 2.36
CA TYR B 91 -11.78 16.81 1.57
C TYR B 91 -11.42 17.55 0.27
N ILE B 92 -12.45 17.88 -0.51
CA ILE B 92 -12.23 18.57 -1.79
C ILE B 92 -11.52 19.91 -1.61
N ARG B 93 -11.75 20.57 -0.49
CA ARG B 93 -11.14 21.86 -0.21
C ARG B 93 -9.62 21.79 0.00
N LEU B 94 -9.08 20.59 0.13
CA LEU B 94 -7.65 20.43 0.34
C LEU B 94 -6.91 20.57 -0.99
N PHE B 95 -7.64 20.40 -2.09
CA PHE B 95 -7.05 20.54 -3.41
C PHE B 95 -7.00 22.04 -3.70
N ASP B 96 -5.96 22.47 -4.42
CA ASP B 96 -5.87 23.89 -4.77
C ASP B 96 -6.18 23.97 -6.26
N PHE B 97 -7.34 24.52 -6.59
CA PHE B 97 -7.74 24.63 -7.99
C PHE B 97 -7.56 26.05 -8.51
N SER B 98 -6.92 26.89 -7.71
CA SER B 98 -6.69 28.28 -8.09
C SER B 98 -5.82 28.36 -9.34
N GLY B 99 -6.13 29.31 -10.21
CA GLY B 99 -5.36 29.49 -11.42
C GLY B 99 -5.46 28.39 -12.45
N LEU B 100 -6.45 27.50 -12.31
CA LEU B 100 -6.61 26.40 -13.25
C LEU B 100 -7.94 26.41 -13.99
N ARG B 101 -7.94 25.94 -15.24
CA ARG B 101 -9.20 25.84 -16.00
C ARG B 101 -9.90 24.64 -15.36
N VAL B 102 -11.19 24.48 -15.63
CA VAL B 102 -11.94 23.36 -15.07
C VAL B 102 -11.30 22.00 -15.40
N ASP B 103 -10.86 21.80 -16.64
CA ASP B 103 -10.25 20.51 -16.99
C ASP B 103 -8.95 20.27 -16.23
N GLU B 104 -8.15 21.32 -16.07
CA GLU B 104 -6.89 21.20 -15.36
C GLU B 104 -7.14 20.83 -13.90
N ALA B 105 -8.16 21.44 -13.32
CA ALA B 105 -8.52 21.16 -11.93
C ALA B 105 -9.08 19.75 -11.74
N ILE B 106 -9.99 19.34 -12.63
CA ILE B 106 -10.59 18.02 -12.51
C ILE B 106 -9.54 16.95 -12.77
N ARG B 107 -8.50 17.32 -13.50
CA ARG B 107 -7.41 16.41 -13.80
C ARG B 107 -6.66 16.16 -12.49
N ILE B 108 -6.50 17.22 -11.70
CA ILE B 108 -5.83 17.11 -10.40
C ILE B 108 -6.64 16.18 -9.51
N LEU B 109 -7.95 16.43 -9.45
CA LEU B 109 -8.85 15.63 -8.63
C LEU B 109 -8.95 14.17 -9.06
N LEU B 110 -9.24 13.95 -10.34
CA LEU B 110 -9.41 12.59 -10.86
C LEU B 110 -8.11 11.78 -10.92
N THR B 111 -7.01 12.42 -11.28
CA THR B 111 -5.74 11.70 -11.34
C THR B 111 -5.46 11.13 -9.96
N LYS B 112 -6.12 11.70 -8.96
CA LYS B 112 -5.97 11.23 -7.59
C LYS B 112 -7.25 10.55 -7.11
N PHE B 113 -8.15 11.30 -6.50
CA PHE B 113 -9.38 10.71 -6.00
C PHE B 113 -9.99 9.70 -6.98
N ARG B 114 -10.38 8.55 -6.45
CA ARG B 114 -10.97 7.47 -7.22
C ARG B 114 -12.50 7.54 -7.22
N LEU B 115 -13.09 7.79 -8.40
CA LEU B 115 -14.55 7.89 -8.53
C LEU B 115 -15.35 6.65 -8.18
N PRO B 116 -16.47 6.82 -7.46
CA PRO B 116 -17.32 5.70 -7.08
C PRO B 116 -18.03 5.17 -8.33
N GLY B 117 -18.64 4.00 -8.24
CA GLY B 117 -19.30 3.41 -9.39
C GLY B 117 -20.66 3.92 -9.84
N GLU B 118 -21.59 4.05 -8.91
CA GLU B 118 -22.95 4.50 -9.23
C GLU B 118 -23.07 5.95 -9.67
N SER B 119 -24.01 6.20 -10.58
CA SER B 119 -24.24 7.54 -11.11
C SER B 119 -24.58 8.59 -10.08
N GLN B 120 -25.42 8.25 -9.10
CA GLN B 120 -25.80 9.23 -8.08
C GLN B 120 -24.66 9.51 -7.11
N GLN B 121 -23.70 8.59 -7.03
CA GLN B 121 -22.54 8.78 -6.17
C GLN B 121 -21.57 9.71 -6.89
N ILE B 122 -21.43 9.49 -8.20
CA ILE B 122 -20.55 10.32 -9.01
C ILE B 122 -21.09 11.75 -9.00
N GLU B 123 -22.41 11.87 -9.07
CA GLU B 123 -23.03 13.19 -9.09
C GLU B 123 -22.67 14.02 -7.86
N ARG B 124 -22.72 13.40 -6.67
CA ARG B 124 -22.38 14.14 -5.45
C ARG B 124 -20.92 14.57 -5.44
N ILE B 125 -20.02 13.76 -5.99
CA ILE B 125 -18.61 14.11 -6.03
C ILE B 125 -18.41 15.33 -6.95
N ILE B 126 -19.06 15.31 -8.10
CA ILE B 126 -18.93 16.41 -9.07
C ILE B 126 -19.56 17.70 -8.54
N GLU B 127 -20.66 17.57 -7.80
CA GLU B 127 -21.30 18.76 -7.22
C GLU B 127 -20.35 19.40 -6.23
N ALA B 128 -19.67 18.59 -5.43
CA ALA B 128 -18.72 19.09 -4.44
C ALA B 128 -17.53 19.73 -5.14
N PHE B 129 -17.03 19.08 -6.18
CA PHE B 129 -15.90 19.63 -6.94
C PHE B 129 -16.28 20.97 -7.57
N SER B 130 -17.47 21.04 -8.13
CA SER B 130 -17.94 22.27 -8.79
C SER B 130 -17.96 23.47 -7.85
N SER B 131 -18.49 23.28 -6.64
CA SER B 131 -18.55 24.38 -5.69
C SER B 131 -17.15 24.80 -5.23
N ALA B 132 -16.28 23.81 -5.00
CA ALA B 132 -14.92 24.08 -4.57
C ALA B 132 -14.13 24.78 -5.66
N TYR B 133 -14.33 24.36 -6.90
CA TYR B 133 -13.63 24.99 -8.01
C TYR B 133 -13.93 26.48 -8.03
N CYS B 134 -15.22 26.82 -8.00
CA CYS B 134 -15.64 28.21 -8.05
C CYS B 134 -15.11 29.02 -6.87
N GLU B 135 -15.14 28.42 -5.68
CA GLU B 135 -14.65 29.09 -4.48
C GLU B 135 -13.17 29.46 -4.70
N ASN B 136 -12.40 28.47 -5.14
CA ASN B 136 -10.96 28.63 -5.39
C ASN B 136 -10.59 29.71 -6.40
N GLN B 137 -11.53 30.15 -7.22
CA GLN B 137 -11.23 31.16 -8.23
C GLN B 137 -11.30 32.62 -7.77
N ASP B 138 -12.09 32.91 -6.74
CA ASP B 138 -12.25 34.27 -6.26
C ASP B 138 -12.62 35.15 -7.45
N TYR B 139 -13.71 34.80 -8.11
CA TYR B 139 -14.18 35.51 -9.29
C TYR B 139 -14.33 37.02 -9.14
N ASP B 140 -13.87 37.74 -10.16
CA ASP B 140 -13.99 39.18 -10.22
C ASP B 140 -14.76 39.39 -11.51
N PRO B 141 -16.10 39.49 -11.42
CA PRO B 141 -17.01 39.69 -12.56
C PRO B 141 -16.61 40.75 -13.57
N SER B 142 -15.92 41.79 -13.14
CA SER B 142 -15.51 42.86 -14.04
C SER B 142 -14.49 42.37 -15.07
N LYS B 143 -13.88 41.21 -14.81
CA LYS B 143 -12.89 40.65 -15.71
C LYS B 143 -13.46 39.72 -16.77
N ILE B 144 -14.74 39.37 -16.63
CA ILE B 144 -15.37 38.47 -17.59
C ILE B 144 -15.20 38.94 -19.03
N SER B 145 -14.78 38.03 -19.90
CA SER B 145 -14.57 38.36 -21.31
C SER B 145 -14.39 37.12 -22.17
N ASP B 146 -14.70 37.25 -23.46
CA ASP B 146 -14.53 36.16 -24.40
C ASP B 146 -13.21 36.36 -25.15
N ASN B 147 -12.60 37.53 -24.96
CA ASN B 147 -11.38 37.87 -25.68
C ASN B 147 -10.08 38.01 -24.92
N ALA B 148 -9.75 37.03 -24.09
CA ALA B 148 -8.48 37.05 -23.37
C ALA B 148 -8.06 35.60 -23.25
N GLU B 149 -7.58 35.04 -24.36
CA GLU B 149 -7.17 33.64 -24.36
C GLU B 149 -6.10 33.35 -23.32
N ASP B 150 -6.25 32.19 -22.68
CA ASP B 150 -5.35 31.72 -21.64
C ASP B 150 -5.33 32.53 -20.35
N ASP B 151 -6.29 33.44 -20.19
CA ASP B 151 -6.38 34.22 -18.96
C ASP B 151 -7.57 33.62 -18.23
N ILE B 152 -7.30 32.70 -17.32
CA ILE B 152 -8.34 32.01 -16.56
C ILE B 152 -9.23 32.92 -15.71
N SER B 153 -8.73 34.09 -15.35
CA SER B 153 -9.49 35.02 -14.51
C SER B 153 -10.69 35.59 -15.28
N THR B 154 -10.69 35.45 -16.60
CA THR B 154 -11.78 35.99 -17.42
C THR B 154 -12.92 35.04 -17.76
N VAL B 155 -12.80 33.79 -17.37
CA VAL B 155 -13.83 32.78 -17.65
C VAL B 155 -14.33 32.32 -16.28
N GLN B 156 -15.56 32.67 -15.96
CA GLN B 156 -16.10 32.37 -14.63
C GLN B 156 -17.39 31.57 -14.49
N PRO B 157 -17.37 30.30 -14.92
CA PRO B 157 -18.60 29.50 -14.81
C PRO B 157 -19.03 29.36 -13.35
N ASP B 158 -20.33 29.42 -13.08
CA ASP B 158 -20.80 29.25 -11.70
C ASP B 158 -20.83 27.75 -11.43
N ALA B 159 -21.20 27.34 -10.22
CA ALA B 159 -21.22 25.93 -9.87
C ALA B 159 -22.01 25.05 -10.83
N ASP B 160 -23.22 25.47 -11.19
CA ASP B 160 -24.03 24.68 -12.10
C ASP B 160 -23.35 24.52 -13.46
N SER B 161 -22.66 25.57 -13.90
CA SER B 161 -21.98 25.55 -15.19
C SER B 161 -20.76 24.63 -15.13
N VAL B 162 -20.03 24.66 -14.02
CA VAL B 162 -18.85 23.81 -13.85
C VAL B 162 -19.31 22.36 -13.82
N PHE B 163 -20.45 22.14 -13.17
CA PHE B 163 -21.04 20.80 -13.07
C PHE B 163 -21.21 20.22 -14.48
N ILE B 164 -21.88 20.98 -15.34
CA ILE B 164 -22.12 20.53 -16.70
C ILE B 164 -20.81 20.31 -17.47
N LEU B 165 -19.89 21.27 -17.37
CA LEU B 165 -18.62 21.14 -18.08
C LEU B 165 -17.84 19.93 -17.58
N SER B 166 -17.88 19.68 -16.29
CA SER B 166 -17.18 18.53 -15.71
C SER B 166 -17.67 17.23 -16.35
N TYR B 167 -18.98 17.06 -16.44
CA TYR B 167 -19.53 15.85 -17.06
C TYR B 167 -19.10 15.78 -18.53
N SER B 168 -19.08 16.92 -19.21
CA SER B 168 -18.70 16.93 -20.63
C SER B 168 -17.24 16.50 -20.79
N ILE B 169 -16.42 16.84 -19.79
CA ILE B 169 -15.00 16.49 -19.80
C ILE B 169 -14.80 15.00 -19.60
N ILE B 170 -15.50 14.43 -18.64
CA ILE B 170 -15.38 12.99 -18.40
C ILE B 170 -15.90 12.24 -19.64
N MET B 171 -17.01 12.68 -20.21
CA MET B 171 -17.54 12.04 -21.41
C MET B 171 -16.53 12.13 -22.56
N LEU B 172 -15.95 13.31 -22.75
CA LEU B 172 -14.99 13.51 -23.84
C LEU B 172 -13.74 12.66 -23.63
N ASN B 173 -13.29 12.58 -22.38
CA ASN B 173 -12.09 11.82 -22.04
C ASN B 173 -12.28 10.36 -22.45
N THR B 174 -13.45 9.82 -22.18
CA THR B 174 -13.78 8.44 -22.51
C THR B 174 -13.84 8.26 -24.03
N ASP B 175 -14.59 9.14 -24.69
CA ASP B 175 -14.76 9.07 -26.13
C ASP B 175 -13.45 9.16 -26.92
N LEU B 176 -12.65 10.18 -26.63
CA LEU B 176 -11.39 10.39 -27.35
C LEU B 176 -10.30 9.36 -27.09
N HIS B 177 -10.45 8.53 -26.06
CA HIS B 177 -9.43 7.55 -25.76
C HIS B 177 -9.97 6.13 -25.68
N ASN B 178 -11.12 5.92 -26.31
CA ASN B 178 -11.76 4.61 -26.34
C ASN B 178 -11.40 3.94 -27.67
N PRO B 179 -10.64 2.84 -27.61
CA PRO B 179 -10.22 2.12 -28.82
C PRO B 179 -11.41 1.69 -29.69
N GLN B 180 -12.53 1.39 -29.06
CA GLN B 180 -13.73 0.94 -29.76
C GLN B 180 -14.55 2.01 -30.48
N VAL B 181 -14.33 3.28 -30.12
CA VAL B 181 -15.07 4.36 -30.76
C VAL B 181 -14.38 4.75 -32.07
N LYS B 182 -15.01 4.41 -33.19
CA LYS B 182 -14.46 4.71 -34.51
C LYS B 182 -14.55 6.20 -34.84
N GLU B 183 -15.74 6.77 -34.69
CA GLU B 183 -15.95 8.18 -34.97
C GLU B 183 -15.87 8.96 -33.67
N HIS B 184 -14.70 9.48 -33.35
CA HIS B 184 -14.49 10.25 -32.12
C HIS B 184 -15.27 11.56 -32.15
N MET B 185 -15.70 12.01 -30.97
CA MET B 185 -16.45 13.25 -30.87
C MET B 185 -15.67 14.43 -31.41
N SER B 186 -16.26 15.16 -32.35
CA SER B 186 -15.61 16.31 -32.95
C SER B 186 -15.71 17.52 -32.02
N PHE B 187 -14.85 18.50 -32.24
CA PHE B 187 -14.90 19.70 -31.42
C PHE B 187 -16.22 20.38 -31.68
N GLU B 188 -16.68 20.30 -32.93
CA GLU B 188 -17.94 20.92 -33.32
C GLU B 188 -19.10 20.41 -32.45
N ASP B 189 -19.15 19.10 -32.23
CA ASP B 189 -20.22 18.54 -31.41
C ASP B 189 -19.98 18.79 -29.92
N TYR B 190 -18.73 18.64 -29.49
CA TYR B 190 -18.38 18.86 -28.09
C TYR B 190 -18.79 20.27 -27.64
N SER B 191 -18.35 21.27 -28.39
CA SER B 191 -18.65 22.66 -28.08
C SER B 191 -20.10 23.00 -28.35
N GLY B 192 -20.66 22.42 -29.41
CA GLY B 192 -22.06 22.68 -29.74
C GLY B 192 -22.98 22.27 -28.61
N ASN B 193 -22.73 21.11 -28.01
CA ASN B 193 -23.56 20.64 -26.91
C ASN B 193 -23.47 21.51 -25.67
N LEU B 194 -22.42 22.33 -25.59
CA LEU B 194 -22.20 23.21 -24.45
C LEU B 194 -22.75 24.62 -24.59
N LYS B 195 -23.39 24.91 -25.72
CA LYS B 195 -23.95 26.23 -25.94
C LYS B 195 -24.87 26.61 -24.78
N GLY B 196 -24.71 27.82 -24.28
CA GLY B 196 -25.54 28.28 -23.18
C GLY B 196 -25.25 27.66 -21.82
N CYS B 197 -24.14 26.94 -21.71
CA CYS B 197 -23.80 26.30 -20.45
C CYS B 197 -22.84 27.04 -19.53
N CYS B 198 -22.46 28.26 -19.91
CA CYS B 198 -21.57 29.06 -19.08
C CYS B 198 -22.42 30.25 -18.63
N ASN B 199 -23.01 30.12 -17.44
CA ASN B 199 -23.87 31.16 -16.88
C ASN B 199 -24.90 31.61 -17.91
N HIS B 200 -25.61 30.65 -18.49
CA HIS B 200 -26.66 30.91 -19.47
C HIS B 200 -26.17 31.35 -20.85
N LYS B 201 -24.86 31.49 -21.00
CA LYS B 201 -24.28 31.91 -22.28
C LYS B 201 -23.22 30.89 -22.69
N ASP B 202 -22.46 31.19 -23.74
CA ASP B 202 -21.44 30.25 -24.19
C ASP B 202 -20.09 30.45 -23.51
N PHE B 203 -19.34 29.35 -23.37
CA PHE B 203 -17.99 29.46 -22.82
C PHE B 203 -17.22 30.14 -23.92
N PRO B 204 -16.17 30.89 -23.58
CA PRO B 204 -15.41 31.54 -24.67
C PRO B 204 -14.85 30.43 -25.55
N PHE B 205 -14.81 30.67 -26.85
CA PHE B 205 -14.30 29.66 -27.78
C PHE B 205 -12.91 29.12 -27.42
N TRP B 206 -11.98 30.00 -27.06
CA TRP B 206 -10.62 29.57 -26.72
C TRP B 206 -10.59 28.59 -25.56
N TYR B 207 -11.49 28.81 -24.60
CA TYR B 207 -11.56 27.97 -23.41
C TYR B 207 -11.94 26.56 -23.78
N LEU B 208 -12.96 26.40 -24.61
CA LEU B 208 -13.38 25.07 -25.02
C LEU B 208 -12.32 24.39 -25.89
N ASP B 209 -11.61 25.17 -26.70
CA ASP B 209 -10.54 24.60 -27.52
C ASP B 209 -9.44 24.05 -26.62
N ARG B 210 -9.06 24.82 -25.62
CA ARG B 210 -8.02 24.38 -24.69
C ARG B 210 -8.46 23.11 -23.98
N VAL B 211 -9.71 23.09 -23.54
CA VAL B 211 -10.23 21.91 -22.84
C VAL B 211 -10.20 20.68 -23.73
N TYR B 212 -10.80 20.84 -24.91
CA TYR B 212 -10.90 19.76 -25.88
C TYR B 212 -9.55 19.22 -26.30
N CYS B 213 -8.63 20.09 -26.68
CA CYS B 213 -7.31 19.62 -27.11
C CYS B 213 -6.47 19.06 -25.96
N SER B 214 -6.66 19.57 -24.75
CA SER B 214 -5.90 19.04 -23.62
C SER B 214 -6.31 17.61 -23.35
N ILE B 215 -7.62 17.36 -23.38
CA ILE B 215 -8.15 16.01 -23.15
C ILE B 215 -7.74 15.11 -24.31
N ARG B 216 -7.81 15.64 -25.53
CA ARG B 216 -7.44 14.89 -26.71
C ARG B 216 -5.98 14.45 -26.66
N ASP B 217 -5.11 15.36 -26.27
CA ASP B 217 -3.68 15.06 -26.24
C ASP B 217 -3.11 14.36 -25.02
N LYS B 218 -3.86 14.33 -23.92
CA LYS B 218 -3.40 13.64 -22.72
C LYS B 218 -4.59 13.13 -21.93
N GLU B 219 -4.84 11.83 -22.03
CA GLU B 219 -5.97 11.20 -21.33
C GLU B 219 -5.86 11.43 -19.83
N ILE B 220 -7.00 11.65 -19.18
CA ILE B 220 -7.00 11.83 -17.74
C ILE B 220 -7.07 10.41 -17.19
N VAL B 221 -6.16 10.08 -16.28
CA VAL B 221 -6.15 8.74 -15.71
C VAL B 221 -6.22 8.82 -14.20
N MET B 222 -7.11 8.03 -13.61
CA MET B 222 -7.26 8.02 -12.16
C MET B 222 -6.63 6.74 -11.62
N PRO B 223 -6.49 6.64 -10.28
CA PRO B 223 -5.89 5.48 -9.62
C PRO B 223 -6.39 4.15 -10.19
#